data_5THX
#
_entry.id   5THX
#
_cell.length_a   60.010
_cell.length_b   60.010
_cell.length_c   158.270
_cell.angle_alpha   90.000
_cell.angle_beta   90.000
_cell.angle_gamma   90.000
#
_symmetry.space_group_name_H-M   'P 43 21 2'
#
loop_
_entity.id
_entity.type
_entity.pdbx_description
1 polymer 'Ferredoxin--NADP reductase'
2 non-polymer 'NADP NICOTINAMIDE-ADENINE-DINUCLEOTIDE PHOSPHATE'
3 non-polymer 'MAGNESIUM ION'
4 non-polymer 'FLAVIN-ADENINE DINUCLEOTIDE'
5 water water
#
_entity_poly.entity_id   1
_entity_poly.type   'polypeptide(L)'
_entity_poly.pdbx_seq_one_letter_code
;MAHHHHHHMAAFNTQKVLSVHHWTDAYFTFTCIRDESLRFENGQFVMVGLMADGKPLMRAYSVASANWEEHLEFFSIKVQ
DGPLTSRLQHLKVGDEVLISKKPTGTLVACDLNPGKHLYLLSTGTGIAPFLSITKDPEIYEQFEKIILVHGVRYKKDLAY
YDRFTKELPEHEYLGDLVKEKLIYYPIVSREEFEHRGRLTDLMVSGKLFEDIGLPKINPQDDRAMLCGSPAMLKDTCKVL
DDFGLTVSPKTGVRGDYLIERAFVDQ
;
_entity_poly.pdbx_strand_id   A
#
loop_
_chem_comp.id
_chem_comp.type
_chem_comp.name
_chem_comp.formula
FAD non-polymer 'FLAVIN-ADENINE DINUCLEOTIDE' 'C27 H33 N9 O15 P2'
MG non-polymer 'MAGNESIUM ION' 'Mg 2'
NAP non-polymer 'NADP NICOTINAMIDE-ADENINE-DINUCLEOTIDE PHOSPHATE' 'C21 H28 N7 O17 P3'
#
# COMPACT_ATOMS: atom_id res chain seq x y z
N ALA A 10 3.25 -23.04 16.01
CA ALA A 10 2.29 -23.48 15.00
C ALA A 10 1.48 -22.30 14.47
N ALA A 11 1.55 -21.18 15.18
CA ALA A 11 0.85 -19.97 14.76
C ALA A 11 1.67 -19.13 13.80
N PHE A 12 2.96 -19.38 13.69
CA PHE A 12 3.83 -18.57 12.86
C PHE A 12 4.98 -19.44 12.33
N ASN A 13 5.61 -18.94 11.28
CA ASN A 13 6.84 -19.49 10.74
C ASN A 13 7.99 -18.55 11.02
N THR A 14 9.18 -19.11 11.14
CA THR A 14 10.42 -18.35 11.28
C THR A 14 11.13 -18.32 9.94
N GLN A 15 11.43 -17.10 9.46
CA GLN A 15 12.03 -16.94 8.14
C GLN A 15 13.27 -16.07 8.22
N LYS A 16 14.23 -16.36 7.34
CA LYS A 16 15.47 -15.62 7.27
C LYS A 16 15.31 -14.33 6.47
N VAL A 17 15.88 -13.24 6.97
CA VAL A 17 15.86 -11.95 6.30
C VAL A 17 16.89 -11.97 5.16
N LEU A 18 16.48 -11.49 3.98
CA LEU A 18 17.33 -11.54 2.80
C LEU A 18 17.90 -10.18 2.41
N SER A 19 17.20 -9.09 2.73
CA SER A 19 17.67 -7.76 2.38
C SER A 19 17.06 -6.78 3.35
N VAL A 20 17.78 -5.67 3.58
CA VAL A 20 17.30 -4.56 4.41
C VAL A 20 17.72 -3.26 3.75
N HIS A 21 16.79 -2.31 3.63
CA HIS A 21 17.08 -1.02 3.01
C HIS A 21 16.38 0.09 3.77
N HIS A 22 17.16 1.07 4.25
CA HIS A 22 16.62 2.22 4.96
C HIS A 22 16.47 3.39 4.00
N TRP A 23 15.23 3.82 3.79
CA TRP A 23 14.96 4.98 2.94
C TRP A 23 15.23 6.27 3.69
N THR A 24 14.81 6.33 4.95
CA THR A 24 14.86 7.53 5.78
C THR A 24 15.02 7.09 7.23
N ASP A 25 15.07 8.08 8.13
CA ASP A 25 15.07 7.77 9.56
C ASP A 25 13.77 7.10 10.01
N ALA A 26 12.70 7.17 9.21
CA ALA A 26 11.41 6.63 9.63
C ALA A 26 10.93 5.44 8.81
N TYR A 27 11.44 5.22 7.60
CA TYR A 27 10.95 4.17 6.71
C TYR A 27 12.07 3.22 6.32
N PHE A 28 11.78 1.91 6.34
CA PHE A 28 12.70 0.94 5.75
C PHE A 28 11.93 -0.23 5.18
N THR A 29 12.60 -0.95 4.28
CA THR A 29 12.05 -2.12 3.61
C THR A 29 12.92 -3.32 3.95
N PHE A 30 12.30 -4.47 4.17
CA PHE A 30 13.06 -5.70 4.24
C PHE A 30 12.34 -6.80 3.48
N THR A 31 13.11 -7.80 3.09
CA THR A 31 12.58 -9.01 2.46
C THR A 31 13.00 -10.22 3.27
N CYS A 32 12.25 -11.30 3.12
CA CYS A 32 12.56 -12.54 3.83
C CYS A 32 12.05 -13.73 3.01
N ILE A 33 12.55 -14.92 3.39
CA ILE A 33 12.09 -16.15 2.76
C ILE A 33 10.59 -16.30 2.98
N ARG A 34 9.90 -16.83 1.96
CA ARG A 34 8.46 -17.06 2.02
C ARG A 34 8.21 -18.55 2.21
N ASP A 35 7.40 -18.90 3.20
CA ASP A 35 7.04 -20.30 3.39
C ASP A 35 6.22 -20.79 2.20
N GLU A 36 6.46 -22.04 1.79
CA GLU A 36 5.81 -22.56 0.60
C GLU A 36 4.28 -22.63 0.75
N SER A 37 3.78 -22.67 1.97
CA SER A 37 2.35 -22.76 2.23
CA SER A 37 2.34 -22.77 2.20
C SER A 37 1.65 -21.40 2.29
N LEU A 38 2.39 -20.30 2.26
CA LEU A 38 1.78 -18.97 2.43
C LEU A 38 1.25 -18.46 1.10
N ARG A 39 -0.01 -18.80 0.81
CA ARG A 39 -0.72 -18.24 -0.31
C ARG A 39 -1.53 -17.03 0.17
N PHE A 40 -1.61 -16.00 -0.67
CA PHE A 40 -2.36 -14.80 -0.28
C PHE A 40 -2.86 -14.08 -1.53
N GLU A 41 -3.84 -13.20 -1.31
CA GLU A 41 -4.35 -12.32 -2.35
C GLU A 41 -3.67 -10.97 -2.21
N ASN A 42 -3.21 -10.42 -3.34
CA ASN A 42 -2.47 -9.16 -3.29
C ASN A 42 -3.33 -8.06 -2.68
N GLY A 43 -2.75 -7.37 -1.71
CA GLY A 43 -3.43 -6.39 -0.89
C GLY A 43 -3.69 -6.84 0.53
N GLN A 44 -3.62 -8.14 0.81
CA GLN A 44 -3.90 -8.65 2.15
C GLN A 44 -2.73 -8.41 3.10
N PHE A 45 -3.02 -8.51 4.39
CA PHE A 45 -1.99 -8.36 5.41
C PHE A 45 -1.86 -9.64 6.22
N VAL A 46 -0.68 -9.79 6.84
CA VAL A 46 -0.39 -10.87 7.78
C VAL A 46 0.13 -10.23 9.06
N MET A 47 0.60 -11.06 9.99
CA MET A 47 1.28 -10.59 11.19
C MET A 47 2.77 -10.85 11.04
N VAL A 48 3.59 -9.85 11.41
CA VAL A 48 5.04 -9.91 11.31
C VAL A 48 5.62 -9.54 12.66
N GLY A 49 6.70 -10.21 13.07
CA GLY A 49 7.26 -9.87 14.35
C GLY A 49 8.58 -10.52 14.63
N LEU A 50 8.95 -10.47 15.92
CA LEU A 50 10.22 -10.98 16.41
C LEU A 50 9.99 -11.71 17.72
N MET A 51 10.96 -12.55 18.08
CA MET A 51 11.04 -13.06 19.45
C MET A 51 11.60 -11.97 20.35
N ALA A 52 10.85 -11.62 21.39
CA ALA A 52 11.29 -10.59 22.35
C ALA A 52 10.92 -11.05 23.74
N ASP A 53 11.92 -11.14 24.61
CA ASP A 53 11.73 -11.63 25.99
C ASP A 53 11.09 -13.02 26.00
N GLY A 54 11.52 -13.86 25.07
CA GLY A 54 11.08 -15.24 25.03
C GLY A 54 9.69 -15.48 24.46
N LYS A 55 9.06 -14.46 23.88
CA LYS A 55 7.71 -14.59 23.34
C LYS A 55 7.64 -13.83 22.01
N PRO A 56 6.75 -14.26 21.11
CA PRO A 56 6.57 -13.50 19.86
C PRO A 56 6.02 -12.12 20.13
N LEU A 57 6.51 -11.15 19.36
CA LEU A 57 6.06 -9.75 19.40
C LEU A 57 5.60 -9.41 17.98
N MET A 58 4.28 -9.42 17.74
CA MET A 58 3.72 -9.40 16.40
CA MET A 58 3.72 -9.40 16.40
C MET A 58 2.88 -8.15 16.16
N ARG A 59 2.87 -7.69 14.90
CA ARG A 59 2.05 -6.56 14.46
C ARG A 59 1.51 -6.84 13.07
N ALA A 60 0.36 -6.23 12.75
CA ALA A 60 -0.21 -6.38 11.42
C ALA A 60 0.66 -5.64 10.39
N TYR A 61 0.94 -6.31 9.27
CA TYR A 61 1.72 -5.74 8.16
C TYR A 61 1.11 -6.16 6.84
N SER A 62 0.86 -5.19 5.97
CA SER A 62 0.52 -5.52 4.59
C SER A 62 1.67 -6.28 3.94
N VAL A 63 1.36 -7.30 3.16
CA VAL A 63 2.39 -7.93 2.34
C VAL A 63 2.65 -7.03 1.14
N ALA A 64 3.88 -6.52 1.03
CA ALA A 64 4.19 -5.55 -0.01
C ALA A 64 4.61 -6.21 -1.32
N SER A 65 5.04 -7.46 -1.24
CA SER A 65 5.33 -8.24 -2.44
C SER A 65 4.05 -8.78 -3.06
N ALA A 66 4.15 -9.17 -4.33
CA ALA A 66 3.05 -9.80 -5.02
C ALA A 66 3.07 -11.31 -4.79
N ASN A 67 1.90 -11.93 -4.91
CA ASN A 67 1.83 -13.35 -4.57
C ASN A 67 2.52 -14.27 -5.57
N TRP A 68 2.91 -13.75 -6.74
CA TRP A 68 3.73 -14.52 -7.67
C TRP A 68 5.22 -14.45 -7.35
N GLU A 69 5.63 -13.57 -6.44
CA GLU A 69 7.06 -13.39 -6.17
C GLU A 69 7.55 -14.43 -5.17
N GLU A 70 8.83 -14.80 -5.32
CA GLU A 70 9.40 -15.91 -4.56
C GLU A 70 9.59 -15.55 -3.08
N HIS A 71 9.92 -14.30 -2.79
CA HIS A 71 10.19 -13.85 -1.43
CA HIS A 71 10.19 -13.84 -1.44
C HIS A 71 9.06 -12.95 -0.93
N LEU A 72 9.10 -12.65 0.36
CA LEU A 72 8.19 -11.65 0.93
C LEU A 72 8.91 -10.32 1.06
N GLU A 73 8.16 -9.24 0.90
CA GLU A 73 8.65 -7.88 1.08
C GLU A 73 7.72 -7.14 2.03
N PHE A 74 8.29 -6.35 2.94
CA PHE A 74 7.52 -5.51 3.85
C PHE A 74 8.09 -4.10 3.86
N PHE A 75 7.20 -3.12 3.94
CA PHE A 75 7.55 -1.71 4.03
C PHE A 75 7.11 -1.23 5.40
N SER A 76 8.07 -0.74 6.20
CA SER A 76 7.85 -0.58 7.64
C SER A 76 8.22 0.80 8.16
N ILE A 77 7.38 1.29 9.07
CA ILE A 77 7.73 2.41 9.92
C ILE A 77 8.84 2.02 10.90
N LYS A 78 9.52 3.04 11.43
CA LYS A 78 10.43 2.89 12.57
C LYS A 78 10.02 3.90 13.62
N VAL A 79 9.49 3.41 14.74
CA VAL A 79 9.08 4.25 15.86
C VAL A 79 10.03 3.95 17.01
N GLN A 80 10.77 4.97 17.46
CA GLN A 80 11.89 4.73 18.38
C GLN A 80 11.43 4.17 19.73
N ASP A 81 10.21 4.45 20.15
CA ASP A 81 9.67 3.84 21.36
C ASP A 81 8.51 2.88 21.06
N GLY A 82 8.39 2.44 19.82
CA GLY A 82 7.41 1.44 19.48
C GLY A 82 7.92 0.06 19.83
N PRO A 83 7.10 -0.73 20.51
CA PRO A 83 7.59 -2.04 21.00
C PRO A 83 8.22 -2.90 19.92
N LEU A 84 7.56 -3.06 18.77
CA LEU A 84 8.15 -3.90 17.73
C LEU A 84 9.21 -3.16 16.92
N THR A 85 8.89 -1.99 16.35
CA THR A 85 9.83 -1.46 15.38
C THR A 85 11.04 -0.78 16.01
N SER A 86 11.02 -0.49 17.31
CA SER A 86 12.26 -0.08 17.99
C SER A 86 13.32 -1.18 17.89
N ARG A 87 12.87 -2.44 17.81
CA ARG A 87 13.75 -3.59 17.61
CA ARG A 87 13.77 -3.57 17.61
C ARG A 87 13.87 -3.96 16.14
N LEU A 88 12.75 -3.96 15.42
CA LEU A 88 12.74 -4.38 14.02
C LEU A 88 13.65 -3.52 13.16
N GLN A 89 13.80 -2.25 13.52
CA GLN A 89 14.65 -1.35 12.75
C GLN A 89 16.09 -1.82 12.67
N HIS A 90 16.51 -2.73 13.57
CA HIS A 90 17.87 -3.19 13.63
C HIS A 90 18.09 -4.49 12.86
N LEU A 91 17.11 -4.93 12.07
CA LEU A 91 17.25 -6.17 11.31
C LEU A 91 18.51 -6.14 10.44
N LYS A 92 19.19 -7.27 10.39
CA LYS A 92 20.31 -7.49 9.50
C LYS A 92 20.01 -8.70 8.62
N VAL A 93 20.62 -8.74 7.44
CA VAL A 93 20.51 -9.90 6.58
C VAL A 93 20.95 -11.13 7.36
N GLY A 94 20.13 -12.18 7.33
CA GLY A 94 20.40 -13.39 8.07
C GLY A 94 19.64 -13.52 9.37
N ASP A 95 19.12 -12.42 9.91
CA ASP A 95 18.28 -12.47 11.09
C ASP A 95 16.98 -13.22 10.79
N GLU A 96 16.29 -13.60 11.87
CA GLU A 96 15.01 -14.30 11.77
C GLU A 96 13.86 -13.35 12.12
N VAL A 97 12.79 -13.45 11.34
CA VAL A 97 11.53 -12.77 11.64
C VAL A 97 10.43 -13.81 11.70
N LEU A 98 9.33 -13.45 12.37
CA LEU A 98 8.17 -14.32 12.49
C LEU A 98 7.06 -13.86 11.54
N ILE A 99 6.51 -14.79 10.78
CA ILE A 99 5.44 -14.51 9.81
C ILE A 99 4.26 -15.41 10.10
N SER A 100 3.06 -14.83 10.21
CA SER A 100 1.87 -15.63 10.49
C SER A 100 1.38 -16.34 9.23
N LYS A 101 0.25 -17.06 9.37
CA LYS A 101 -0.19 -18.02 8.36
C LYS A 101 -1.58 -17.76 7.78
N LYS A 102 -2.31 -16.74 8.25
CA LYS A 102 -3.69 -16.51 7.85
C LYS A 102 -3.84 -15.08 7.31
N PRO A 103 -3.53 -14.86 6.03
CA PRO A 103 -3.72 -13.53 5.46
C PRO A 103 -5.18 -13.13 5.41
N THR A 104 -5.44 -11.83 5.54
CA THR A 104 -6.80 -11.31 5.55
C THR A 104 -6.74 -9.84 5.14
N GLY A 105 -7.87 -9.14 5.21
CA GLY A 105 -7.89 -7.73 4.91
C GLY A 105 -8.96 -7.36 3.89
N THR A 106 -9.22 -6.05 3.82
CA THR A 106 -10.29 -5.52 2.99
C THR A 106 -9.85 -5.02 1.63
N LEU A 107 -8.55 -4.90 1.38
CA LEU A 107 -8.08 -4.33 0.12
C LEU A 107 -7.91 -5.43 -0.94
N VAL A 108 -9.05 -5.96 -1.37
CA VAL A 108 -9.05 -7.03 -2.36
C VAL A 108 -9.89 -6.63 -3.56
N ALA A 109 -9.31 -6.79 -4.75
CA ALA A 109 -9.91 -6.24 -5.97
C ALA A 109 -11.25 -6.88 -6.29
N CYS A 110 -11.46 -8.13 -5.85
CA CYS A 110 -12.71 -8.84 -6.05
C CYS A 110 -13.91 -8.12 -5.47
N ASP A 111 -13.70 -7.28 -4.46
CA ASP A 111 -14.79 -6.60 -3.78
C ASP A 111 -15.12 -5.26 -4.40
N LEU A 112 -14.48 -4.89 -5.50
CA LEU A 112 -14.78 -3.63 -6.16
C LEU A 112 -15.83 -3.81 -7.25
N ASN A 113 -16.79 -2.90 -7.28
CA ASN A 113 -17.68 -2.82 -8.43
C ASN A 113 -16.86 -2.53 -9.68
N PRO A 114 -17.31 -3.01 -10.84
CA PRO A 114 -16.61 -2.71 -12.10
C PRO A 114 -16.52 -1.21 -12.32
N GLY A 115 -15.43 -0.80 -12.95
CA GLY A 115 -15.25 0.61 -13.27
C GLY A 115 -14.19 0.79 -14.33
N LYS A 116 -13.92 2.05 -14.65
CA LYS A 116 -12.91 2.42 -15.63
C LYS A 116 -11.60 2.87 -15.01
N HIS A 117 -11.65 3.49 -13.83
CA HIS A 117 -10.46 4.00 -13.19
C HIS A 117 -10.41 3.49 -11.76
N LEU A 118 -9.20 3.13 -11.31
CA LEU A 118 -8.97 2.69 -9.94
C LEU A 118 -7.96 3.62 -9.30
N TYR A 119 -8.40 4.36 -8.28
CA TYR A 119 -7.54 5.23 -7.50
C TYR A 119 -7.04 4.46 -6.29
N LEU A 120 -5.71 4.37 -6.15
CA LEU A 120 -5.09 3.77 -4.97
C LEU A 120 -4.56 4.95 -4.15
N LEU A 121 -5.27 5.28 -3.06
CA LEU A 121 -5.05 6.51 -2.31
C LEU A 121 -4.33 6.15 -1.02
N SER A 122 -3.10 6.64 -0.86
CA SER A 122 -2.28 6.23 0.28
C SER A 122 -1.50 7.41 0.86
N THR A 123 -1.19 7.30 2.15
CA THR A 123 -0.21 8.17 2.79
C THR A 123 0.82 7.33 3.53
N GLY A 124 2.06 7.82 3.55
CA GLY A 124 3.07 7.19 4.39
C GLY A 124 3.28 5.73 4.04
N THR A 125 3.34 4.89 5.08
CA THR A 125 3.52 3.46 4.82
C THR A 125 2.28 2.81 4.23
N GLY A 126 1.16 3.53 4.14
CA GLY A 126 -0.04 2.98 3.53
C GLY A 126 0.11 2.64 2.07
N ILE A 127 1.21 3.04 1.44
CA ILE A 127 1.48 2.54 0.09
C ILE A 127 1.71 1.03 0.07
N ALA A 128 2.01 0.43 1.23
CA ALA A 128 2.45 -0.97 1.28
C ALA A 128 1.51 -1.94 0.54
N PRO A 129 0.21 -2.01 0.83
CA PRO A 129 -0.62 -2.97 0.08
C PRO A 129 -0.65 -2.68 -1.40
N PHE A 130 -0.40 -1.43 -1.80
CA PHE A 130 -0.41 -1.07 -3.21
C PHE A 130 0.91 -1.36 -3.91
N LEU A 131 1.99 -1.53 -3.16
CA LEU A 131 3.19 -2.15 -3.73
C LEU A 131 2.88 -3.56 -4.24
N SER A 132 1.97 -4.27 -3.56
CA SER A 132 1.55 -5.61 -3.98
C SER A 132 0.54 -5.53 -5.13
N ILE A 133 -0.49 -4.70 -4.96
CA ILE A 133 -1.57 -4.65 -5.95
C ILE A 133 -1.08 -4.12 -7.30
N THR A 134 -0.18 -3.13 -7.31
CA THR A 134 0.31 -2.65 -8.61
C THR A 134 1.21 -3.67 -9.30
N LYS A 135 1.57 -4.76 -8.64
CA LYS A 135 2.30 -5.86 -9.26
C LYS A 135 1.41 -7.06 -9.53
N ASP A 136 0.09 -6.90 -9.43
CA ASP A 136 -0.86 -7.96 -9.75
C ASP A 136 -1.24 -7.81 -11.21
N PRO A 137 -0.87 -8.74 -12.09
CA PRO A 137 -1.22 -8.56 -13.50
C PRO A 137 -2.72 -8.45 -13.72
N GLU A 138 -3.53 -9.06 -12.85
CA GLU A 138 -4.97 -9.10 -13.11
C GLU A 138 -5.61 -7.73 -12.91
N ILE A 139 -5.04 -6.87 -12.06
CA ILE A 139 -5.68 -5.57 -11.83
C ILE A 139 -5.70 -4.75 -13.11
N TYR A 140 -4.71 -4.94 -13.99
CA TYR A 140 -4.61 -4.11 -15.18
C TYR A 140 -5.69 -4.43 -16.20
N GLU A 141 -6.16 -5.67 -16.25
CA GLU A 141 -7.26 -5.98 -17.15
C GLU A 141 -8.58 -5.37 -16.65
N GLN A 142 -8.71 -5.16 -15.35
CA GLN A 142 -9.97 -4.70 -14.78
C GLN A 142 -10.21 -3.21 -14.96
N PHE A 143 -9.18 -2.41 -15.27
CA PHE A 143 -9.34 -0.97 -15.34
C PHE A 143 -8.59 -0.40 -16.54
N GLU A 144 -9.08 0.75 -17.02
CA GLU A 144 -8.39 1.48 -18.08
C GLU A 144 -7.20 2.27 -17.54
N LYS A 145 -7.31 2.80 -16.32
CA LYS A 145 -6.21 3.51 -15.67
C LYS A 145 -6.18 3.10 -14.20
N ILE A 146 -4.97 2.97 -13.65
CA ILE A 146 -4.77 2.80 -12.22
C ILE A 146 -3.91 3.96 -11.77
N ILE A 147 -4.38 4.70 -10.76
CA ILE A 147 -3.74 5.94 -10.32
C ILE A 147 -3.24 5.69 -8.91
N LEU A 148 -1.92 5.58 -8.75
CA LEU A 148 -1.32 5.38 -7.44
C LEU A 148 -0.96 6.73 -6.87
N VAL A 149 -1.69 7.15 -5.85
CA VAL A 149 -1.49 8.43 -5.17
C VAL A 149 -0.77 8.13 -3.86
N HIS A 150 0.37 8.78 -3.63
CA HIS A 150 1.16 8.56 -2.42
C HIS A 150 1.55 9.91 -1.83
N GLY A 151 0.98 10.25 -0.67
CA GLY A 151 1.27 11.49 0.01
C GLY A 151 2.24 11.27 1.17
N VAL A 152 3.30 12.07 1.19
CA VAL A 152 4.31 12.03 2.26
C VAL A 152 4.76 13.45 2.57
N ARG A 153 5.54 13.57 3.66
CA ARG A 153 5.92 14.90 4.14
C ARG A 153 6.98 15.55 3.25
N TYR A 154 8.05 14.82 2.93
CA TYR A 154 9.17 15.38 2.18
C TYR A 154 9.49 14.49 0.98
N LYS A 155 10.22 15.08 0.01
CA LYS A 155 10.58 14.33 -1.19
C LYS A 155 11.36 13.07 -0.82
N LYS A 156 12.25 13.15 0.17
CA LYS A 156 13.00 11.98 0.60
CA LYS A 156 13.00 11.97 0.57
C LYS A 156 12.11 10.85 1.07
N ASP A 157 10.89 11.16 1.52
CA ASP A 157 9.97 10.15 2.03
C ASP A 157 9.27 9.37 0.92
N LEU A 158 9.47 9.74 -0.34
CA LEU A 158 8.87 9.04 -1.47
C LEU A 158 9.66 7.77 -1.74
N ALA A 159 9.57 6.84 -0.79
CA ALA A 159 10.09 5.49 -1.02
C ALA A 159 9.47 4.93 -2.30
N TYR A 160 10.27 4.19 -3.05
CA TYR A 160 9.86 3.52 -4.28
C TYR A 160 9.64 4.48 -5.44
N TYR A 161 10.11 5.73 -5.32
CA TYR A 161 10.00 6.68 -6.42
C TYR A 161 10.59 6.12 -7.71
N ASP A 162 11.78 5.53 -7.64
CA ASP A 162 12.42 4.98 -8.84
C ASP A 162 11.63 3.78 -9.37
N ARG A 163 11.07 2.95 -8.49
CA ARG A 163 10.24 1.85 -8.96
C ARG A 163 9.11 2.36 -9.84
N PHE A 164 8.39 3.38 -9.37
CA PHE A 164 7.20 3.77 -10.11
C PHE A 164 7.48 4.71 -11.26
N THR A 165 8.59 5.46 -11.23
CA THR A 165 8.88 6.32 -12.36
C THR A 165 9.72 5.62 -13.42
N LYS A 166 10.53 4.63 -13.05
CA LYS A 166 11.47 4.07 -14.02
C LYS A 166 11.38 2.56 -14.17
N GLU A 167 11.36 1.82 -13.07
CA GLU A 167 11.54 0.36 -13.12
C GLU A 167 10.28 -0.35 -13.58
N LEU A 168 9.17 -0.13 -12.87
CA LEU A 168 7.97 -0.93 -13.10
C LEU A 168 7.44 -0.84 -14.54
N PRO A 169 7.46 0.31 -15.22
CA PRO A 169 7.02 0.33 -16.62
C PRO A 169 7.87 -0.55 -17.55
N GLU A 170 9.07 -0.93 -17.13
CA GLU A 170 9.97 -1.75 -17.93
C GLU A 170 10.07 -3.17 -17.39
N HIS A 171 9.24 -3.51 -16.40
CA HIS A 171 9.33 -4.79 -15.72
C HIS A 171 9.18 -5.95 -16.71
N GLU A 172 10.04 -6.95 -16.58
CA GLU A 172 10.03 -8.03 -17.56
C GLU A 172 8.72 -8.80 -17.54
N TYR A 173 8.06 -8.86 -16.40
CA TYR A 173 6.79 -9.59 -16.30
C TYR A 173 5.59 -8.68 -16.48
N LEU A 174 5.68 -7.44 -16.00
CA LEU A 174 4.53 -6.57 -15.88
C LEU A 174 4.56 -5.32 -16.76
N GLY A 175 5.71 -4.96 -17.34
CA GLY A 175 5.84 -3.65 -17.97
C GLY A 175 4.84 -3.39 -19.09
N ASP A 176 4.56 -4.42 -19.90
CA ASP A 176 3.57 -4.29 -20.97
C ASP A 176 2.18 -3.96 -20.45
N LEU A 177 1.89 -4.29 -19.20
CA LEU A 177 0.62 -3.95 -18.57
C LEU A 177 0.66 -2.59 -17.90
N VAL A 178 1.77 -2.31 -17.21
CA VAL A 178 1.92 -1.10 -16.40
C VAL A 178 2.03 0.15 -17.26
N LYS A 179 2.81 0.08 -18.34
CA LYS A 179 3.34 1.29 -18.97
C LYS A 179 2.24 2.22 -19.47
N GLU A 180 1.18 1.67 -20.06
CA GLU A 180 0.13 2.57 -20.56
C GLU A 180 -1.03 2.75 -19.58
N LYS A 181 -1.03 2.09 -18.43
CA LYS A 181 -2.17 2.14 -17.54
C LYS A 181 -1.90 2.69 -16.14
N LEU A 182 -0.69 2.51 -15.60
CA LEU A 182 -0.41 3.00 -14.25
C LEU A 182 0.04 4.45 -14.29
N ILE A 183 -0.63 5.29 -13.51
CA ILE A 183 -0.25 6.69 -13.36
C ILE A 183 0.22 6.86 -11.93
N TYR A 184 1.49 7.24 -11.76
CA TYR A 184 2.06 7.46 -10.43
C TYR A 184 1.96 8.95 -10.09
N TYR A 185 1.28 9.25 -8.97
CA TYR A 185 1.00 10.62 -8.55
C TYR A 185 1.55 10.84 -7.15
N PRO A 186 2.85 11.12 -7.04
CA PRO A 186 3.42 11.43 -5.72
C PRO A 186 2.97 12.80 -5.24
N ILE A 187 2.74 12.91 -3.93
CA ILE A 187 2.36 14.16 -3.30
C ILE A 187 3.29 14.41 -2.13
N VAL A 188 3.78 15.64 -2.03
CA VAL A 188 4.66 16.07 -0.94
C VAL A 188 4.00 17.23 -0.23
N SER A 189 3.89 17.15 1.10
CA SER A 189 3.16 18.18 1.80
C SER A 189 4.02 19.31 2.34
N ARG A 190 5.29 19.07 2.69
CA ARG A 190 6.01 20.04 3.54
C ARG A 190 7.16 20.75 2.84
N GLU A 191 7.32 20.58 1.53
CA GLU A 191 8.33 21.32 0.79
C GLU A 191 7.92 21.41 -0.67
N GLU A 192 8.64 22.25 -1.42
CA GLU A 192 8.29 22.55 -2.80
C GLU A 192 8.24 21.29 -3.65
N PHE A 193 7.14 21.11 -4.38
CA PHE A 193 6.94 19.93 -5.20
C PHE A 193 5.78 20.19 -6.16
N GLU A 194 5.79 19.49 -7.31
CA GLU A 194 4.78 19.74 -8.33
C GLU A 194 3.37 19.38 -7.87
N HIS A 195 3.23 18.45 -6.92
CA HIS A 195 1.93 18.12 -6.32
C HIS A 195 2.10 18.35 -4.82
N ARG A 196 1.53 19.45 -4.32
CA ARG A 196 1.86 19.99 -3.00
C ARG A 196 0.64 19.99 -2.10
N GLY A 197 0.76 19.31 -0.95
CA GLY A 197 -0.26 19.36 0.09
C GLY A 197 -0.74 17.96 0.46
N ARG A 198 -2.04 17.84 0.72
CA ARG A 198 -2.68 16.57 1.06
C ARG A 198 -3.55 16.11 -0.11
N LEU A 199 -3.64 14.79 -0.27
CA LEU A 199 -4.39 14.25 -1.40
C LEU A 199 -5.86 14.63 -1.31
N THR A 200 -6.39 14.81 -0.10
CA THR A 200 -7.77 15.22 0.07
C THR A 200 -8.02 16.58 -0.57
N ASP A 201 -7.19 17.58 -0.22
CA ASP A 201 -7.35 18.91 -0.78
C ASP A 201 -7.15 18.91 -2.29
N LEU A 202 -6.19 18.13 -2.79
CA LEU A 202 -5.91 18.14 -4.21
C LEU A 202 -7.02 17.46 -5.00
N MET A 203 -7.76 16.53 -4.38
CA MET A 203 -8.91 15.94 -5.04
C MET A 203 -10.08 16.90 -5.07
N VAL A 204 -10.37 17.56 -3.94
CA VAL A 204 -11.50 18.47 -3.86
C VAL A 204 -11.29 19.69 -4.74
N SER A 205 -10.05 20.22 -4.76
CA SER A 205 -9.75 21.44 -5.50
C SER A 205 -9.84 21.26 -7.00
N GLY A 206 -9.78 20.02 -7.48
CA GLY A 206 -9.72 19.72 -8.89
C GLY A 206 -8.32 19.53 -9.44
N LYS A 207 -7.28 19.86 -8.68
CA LYS A 207 -5.93 19.86 -9.24
C LYS A 207 -5.47 18.46 -9.62
N LEU A 208 -5.74 17.48 -8.76
CA LEU A 208 -5.30 16.12 -9.06
C LEU A 208 -5.86 15.65 -10.40
N PHE A 209 -7.15 15.83 -10.64
CA PHE A 209 -7.75 15.36 -11.89
C PHE A 209 -7.16 16.10 -13.08
N GLU A 210 -6.97 17.43 -12.96
CA GLU A 210 -6.39 18.17 -14.06
CA GLU A 210 -6.36 18.21 -14.02
C GLU A 210 -4.96 17.70 -14.35
N ASP A 211 -4.16 17.46 -13.31
CA ASP A 211 -2.77 17.03 -13.50
C ASP A 211 -2.70 15.71 -14.26
N ILE A 212 -3.54 14.75 -13.90
CA ILE A 212 -3.44 13.42 -14.51
C ILE A 212 -4.24 13.32 -15.79
N GLY A 213 -4.98 14.37 -16.15
CA GLY A 213 -5.71 14.36 -17.40
C GLY A 213 -6.95 13.50 -17.39
N LEU A 214 -7.58 13.33 -16.24
CA LEU A 214 -8.79 12.52 -16.16
C LEU A 214 -9.98 13.35 -15.71
N PRO A 215 -11.18 12.94 -16.07
CA PRO A 215 -12.37 13.63 -15.57
C PRO A 215 -12.56 13.41 -14.07
N LYS A 216 -13.40 14.27 -13.49
CA LYS A 216 -13.71 14.17 -12.08
CA LYS A 216 -13.74 14.17 -12.08
C LYS A 216 -14.34 12.81 -11.76
N ILE A 217 -14.09 12.35 -10.53
CA ILE A 217 -14.61 11.06 -10.07
C ILE A 217 -16.14 11.07 -10.09
N ASN A 218 -16.71 9.98 -10.60
CA ASN A 218 -18.17 9.81 -10.62
C ASN A 218 -18.50 8.37 -10.23
N PRO A 219 -19.73 8.11 -9.78
CA PRO A 219 -20.09 6.77 -9.29
C PRO A 219 -20.12 5.71 -10.37
N GLN A 220 -20.25 6.09 -11.64
CA GLN A 220 -20.30 5.09 -12.70
C GLN A 220 -18.93 4.56 -13.05
N ASP A 221 -17.92 5.43 -13.06
CA ASP A 221 -16.63 5.09 -13.66
C ASP A 221 -15.49 4.87 -12.68
N ASP A 222 -15.56 5.40 -11.46
CA ASP A 222 -14.36 5.49 -10.62
C ASP A 222 -14.48 4.65 -9.36
N ARG A 223 -13.41 3.90 -9.08
CA ARG A 223 -13.33 3.03 -7.92
C ARG A 223 -12.06 3.41 -7.16
N ALA A 224 -11.99 3.00 -5.89
CA ALA A 224 -10.80 3.37 -5.12
C ALA A 224 -10.51 2.34 -4.04
N MET A 225 -9.26 2.31 -3.62
CA MET A 225 -8.83 1.67 -2.38
C MET A 225 -8.04 2.69 -1.58
N LEU A 226 -8.27 2.74 -0.27
CA LEU A 226 -7.69 3.75 0.61
C LEU A 226 -6.88 3.08 1.69
N CYS A 227 -5.64 3.53 1.89
CA CYS A 227 -4.81 3.00 2.97
C CYS A 227 -3.96 4.13 3.53
N GLY A 228 -4.21 4.51 4.78
CA GLY A 228 -3.54 5.64 5.38
C GLY A 228 -3.93 5.80 6.83
N SER A 229 -3.56 6.93 7.41
CA SER A 229 -3.89 7.18 8.80
C SER A 229 -5.40 7.16 9.01
N PRO A 230 -5.86 6.85 10.23
CA PRO A 230 -7.30 6.97 10.51
C PRO A 230 -7.87 8.31 10.10
N ALA A 231 -7.13 9.40 10.34
CA ALA A 231 -7.62 10.73 9.99
C ALA A 231 -7.71 10.90 8.49
N MET A 232 -6.72 10.38 7.76
CA MET A 232 -6.79 10.43 6.31
C MET A 232 -7.99 9.65 5.80
N LEU A 233 -8.25 8.47 6.36
CA LEU A 233 -9.40 7.70 5.90
C LEU A 233 -10.69 8.46 6.13
N LYS A 234 -10.84 9.06 7.31
CA LYS A 234 -12.04 9.85 7.61
C LYS A 234 -12.22 10.95 6.57
N ASP A 235 -11.17 11.71 6.30
CA ASP A 235 -11.29 12.83 5.37
C ASP A 235 -11.51 12.35 3.95
N THR A 236 -10.82 11.27 3.55
CA THR A 236 -10.90 10.79 2.17
C THR A 236 -12.24 10.11 1.90
N CYS A 237 -12.77 9.35 2.88
CA CYS A 237 -14.12 8.81 2.76
C CYS A 237 -15.13 9.91 2.51
N LYS A 238 -15.02 11.02 3.25
CA LYS A 238 -15.95 12.13 3.05
C LYS A 238 -15.87 12.66 1.62
N VAL A 239 -14.65 12.82 1.11
CA VAL A 239 -14.48 13.32 -0.26
C VAL A 239 -15.15 12.37 -1.26
N LEU A 240 -14.89 11.06 -1.12
CA LEU A 240 -15.46 10.11 -2.07
C LEU A 240 -16.98 10.00 -1.92
N ASP A 241 -17.47 10.04 -0.67
CA ASP A 241 -18.93 10.05 -0.48
C ASP A 241 -19.57 11.24 -1.16
N ASP A 242 -18.96 12.42 -1.03
CA ASP A 242 -19.51 13.62 -1.66
C ASP A 242 -19.45 13.53 -3.18
N PHE A 243 -18.48 12.80 -3.73
CA PHE A 243 -18.47 12.51 -5.16
C PHE A 243 -19.53 11.47 -5.55
N GLY A 244 -20.22 10.86 -4.59
CA GLY A 244 -21.28 9.92 -4.89
C GLY A 244 -20.93 8.46 -4.83
N LEU A 245 -19.76 8.10 -4.30
CA LEU A 245 -19.37 6.71 -4.22
CA LEU A 245 -19.35 6.71 -4.22
C LEU A 245 -19.88 6.08 -2.92
N THR A 246 -20.09 4.78 -2.95
CA THR A 246 -20.59 4.03 -1.80
C THR A 246 -19.50 3.06 -1.35
N VAL A 247 -19.10 3.15 -0.09
CA VAL A 247 -18.08 2.26 0.45
C VAL A 247 -18.63 0.83 0.54
N SER A 248 -17.74 -0.15 0.38
CA SER A 248 -18.10 -1.51 0.76
C SER A 248 -18.41 -1.54 2.26
N PRO A 249 -19.51 -2.18 2.67
CA PRO A 249 -19.83 -2.23 4.11
C PRO A 249 -19.00 -3.24 4.91
N LYS A 250 -18.35 -4.19 4.25
CA LYS A 250 -17.80 -5.35 4.93
C LYS A 250 -16.93 -6.11 3.95
N THR A 251 -15.88 -6.73 4.47
CA THR A 251 -15.09 -7.64 3.65
CA THR A 251 -15.08 -7.68 3.68
C THR A 251 -16.00 -8.67 2.97
N GLY A 252 -15.75 -8.90 1.69
CA GLY A 252 -16.54 -9.82 0.92
C GLY A 252 -17.80 -9.25 0.29
N VAL A 253 -18.10 -7.98 0.53
CA VAL A 253 -19.28 -7.32 -0.01
C VAL A 253 -18.80 -6.21 -0.94
N ARG A 254 -19.41 -6.13 -2.13
CA ARG A 254 -18.96 -5.15 -3.12
C ARG A 254 -19.18 -3.72 -2.65
N GLY A 255 -18.29 -2.84 -3.10
CA GLY A 255 -18.50 -1.42 -2.97
C GLY A 255 -17.76 -0.69 -4.06
N ASP A 256 -18.01 0.62 -4.14
CA ASP A 256 -17.25 1.46 -5.07
C ASP A 256 -15.84 1.72 -4.57
N TYR A 257 -15.64 1.68 -3.25
CA TYR A 257 -14.29 1.83 -2.72
C TYR A 257 -14.15 1.01 -1.45
N LEU A 258 -12.90 0.70 -1.11
CA LEU A 258 -12.52 -0.14 0.02
C LEU A 258 -11.51 0.62 0.85
N ILE A 259 -11.53 0.39 2.18
CA ILE A 259 -10.62 1.13 3.06
C ILE A 259 -9.95 0.19 4.04
N GLU A 260 -8.74 0.57 4.44
CA GLU A 260 -8.02 -0.12 5.51
C GLU A 260 -7.10 0.87 6.21
N ARG A 261 -7.06 0.79 7.53
CA ARG A 261 -6.20 1.67 8.31
C ARG A 261 -4.75 1.23 8.17
N ALA A 262 -3.85 2.19 7.90
CA ALA A 262 -2.42 1.91 7.81
C ALA A 262 -1.77 1.71 9.18
N PHE A 263 -2.43 2.19 10.22
CA PHE A 263 -2.00 2.04 11.61
C PHE A 263 -3.15 2.51 12.49
N VAL A 264 -3.01 2.27 13.80
CA VAL A 264 -4.01 2.64 14.80
C VAL A 264 -3.41 3.73 15.66
N ASP A 265 -4.18 4.76 15.94
CA ASP A 265 -3.67 5.85 16.75
C ASP A 265 -3.57 5.48 18.22
N GLN A 266 -2.60 6.10 18.90
CA GLN A 266 -2.36 5.92 20.32
C GLN A 266 -3.06 7.00 21.11
PA NAP B . 1.53 10.95 8.49
O1A NAP B . 0.18 10.34 8.51
O2A NAP B . 1.83 11.81 9.72
O5B NAP B . 1.86 11.86 7.22
C5B NAP B . 1.99 11.28 5.90
C4B NAP B . 1.33 12.23 4.93
O4B NAP B . -0.09 12.23 5.15
C3B NAP B . 1.79 13.69 5.06
O3B NAP B . 2.03 14.23 3.76
C2B NAP B . 0.61 14.35 5.79
O2B NAP B . 0.50 15.76 5.51
C1B NAP B . -0.56 13.56 5.20
N9A NAP B . -1.78 13.61 6.00
C8A NAP B . -1.89 13.69 7.37
N7A NAP B . -3.12 13.75 7.80
C5A NAP B . -3.89 13.70 6.64
C6A NAP B . -5.27 13.70 6.42
N6A NAP B . -6.19 13.79 7.39
N1A NAP B . -5.71 13.58 5.14
C2A NAP B . -4.80 13.48 4.16
N3A NAP B . -3.47 13.49 4.25
C4A NAP B . -3.07 13.61 5.52
O3 NAP B . 2.61 9.77 8.43
PN NAP B . 4.21 9.78 8.38
O1N NAP B . 4.64 8.46 7.83
O2N NAP B . 4.72 11.03 7.76
O5D NAP B . 4.61 9.88 9.93
C5D NAP B . 4.54 8.73 10.80
C4D NAP B . 5.61 8.81 11.86
O4D NAP B . 6.91 8.83 11.25
C3D NAP B . 5.56 10.02 12.78
O3D NAP B . 6.06 9.68 14.06
C2D NAP B . 6.47 11.01 12.07
O2D NAP B . 7.14 11.92 12.95
C1D NAP B . 7.51 10.09 11.41
N1N NAP B . 7.92 10.62 10.03
C2N NAP B . 8.57 11.79 10.05
C3N NAP B . 9.00 12.38 8.87
C7N NAP B . 9.73 13.69 8.95
O7N NAP B . 10.24 14.16 7.93
N7N NAP B . 9.85 14.25 10.14
C4N NAP B . 8.72 11.73 7.67
C5N NAP B . 8.04 10.53 7.68
C6N NAP B . 7.65 9.98 8.87
P2B NAP B . 0.94 16.90 6.59
O1X NAP B . 2.29 17.31 6.20
O2X NAP B . -0.11 17.97 6.37
O3X NAP B . 0.85 16.29 7.96
MG MG C . -0.43 -17.25 -3.64
PA FAD D . 2.95 0.91 17.89
PA FAD D . 2.97 0.68 17.91
O1A FAD D . 2.80 0.80 19.38
O1A FAD D . 2.82 0.64 19.39
O2A FAD D . 2.03 -0.08 17.17
O2A FAD D . 2.11 -0.39 17.23
O5B FAD D . 2.66 2.39 17.39
O5B FAD D . 2.60 2.11 17.30
C5B FAD D . 3.36 3.44 18.08
C5B FAD D . 2.98 3.26 18.08
C4B FAD D . 2.99 4.80 17.51
C4B FAD D . 2.44 4.49 17.41
O4B FAD D . 3.36 4.85 16.12
O4B FAD D . 3.27 4.82 16.28
C3B FAD D . 1.51 5.16 17.57
C3B FAD D . 1.05 4.32 16.81
O3B FAD D . 1.33 6.55 17.78
O3B FAD D . 0.00 4.45 17.77
C2B FAD D . 1.00 4.71 16.20
C2B FAD D . 1.05 5.44 15.78
O2B FAD D . -0.18 5.42 15.82
O2B FAD D . 0.89 6.72 16.38
C1B FAD D . 2.20 5.05 15.31
C1B FAD D . 2.46 5.32 15.23
N9A FAD D . 2.34 4.21 14.12
N9A FAD D . 2.56 4.40 14.09
C8A FAD D . 2.44 2.85 14.09
C8A FAD D . 2.63 3.04 14.13
N7A FAD D . 2.63 2.35 12.90
N7A FAD D . 2.73 2.47 12.96
C5A FAD D . 2.67 3.48 12.07
C5A FAD D . 2.72 3.53 12.07
C6A FAD D . 2.84 3.63 10.69
C6A FAD D . 2.81 3.60 10.67
N6A FAD D . 3.03 2.62 9.84
N6A FAD D . 2.94 2.54 9.88
N1A FAD D . 2.80 4.89 10.19
N1A FAD D . 2.78 4.83 10.10
C2A FAD D . 2.61 5.91 11.03
C2A FAD D . 2.67 5.90 10.88
N3A FAD D . 2.44 5.88 12.36
N3A FAD D . 2.57 5.96 12.22
C4A FAD D . 2.48 4.62 12.83
C4A FAD D . 2.61 4.74 12.75
N1 FAD D . 2.87 -0.63 9.76
N1 FAD D . 2.87 -0.62 9.75
C2 FAD D . 3.87 -0.60 8.83
C2 FAD D . 3.88 -0.60 8.83
O2 FAD D . 4.91 0.03 9.02
O2 FAD D . 4.93 0.02 9.03
N3 FAD D . 3.70 -1.25 7.61
N3 FAD D . 3.72 -1.26 7.62
C4 FAD D . 2.58 -1.96 7.22
C4 FAD D . 2.59 -1.96 7.22
O4 FAD D . 2.56 -2.51 6.13
O4 FAD D . 2.57 -2.52 6.13
C4X FAD D . 1.51 -1.97 8.20
C4X FAD D . 1.52 -1.97 8.20
N5 FAD D . 0.40 -2.57 7.90
N5 FAD D . 0.41 -2.56 7.90
C5X FAD D . -0.64 -2.51 8.82
C5X FAD D . -0.63 -2.51 8.81
C6 FAD D . -1.86 -3.08 8.48
C6 FAD D . -1.85 -3.09 8.48
C7 FAD D . -2.95 -3.01 9.33
C7 FAD D . -2.94 -3.01 9.34
C7M FAD D . -4.26 -3.63 8.91
C7M FAD D . -4.25 -3.64 8.92
C8 FAD D . -2.83 -2.35 10.56
C8 FAD D . -2.81 -2.36 10.57
C8M FAD D . -3.99 -2.24 11.51
C8M FAD D . -3.98 -2.25 11.51
C9 FAD D . -1.60 -1.80 10.91
C9 FAD D . -1.59 -1.79 10.92
C9A FAD D . -0.50 -1.86 10.06
C9A FAD D . -0.50 -1.85 10.05
N10 FAD D . 0.73 -1.24 10.36
N10 FAD D . 0.73 -1.23 10.35
C10 FAD D . 1.75 -1.28 9.44
C10 FAD D . 1.75 -1.27 9.44
C1' FAD D . 1.06 -0.84 11.73
C1' FAD D . 1.07 -0.85 11.73
C2' FAD D . 1.70 -1.98 12.51
C2' FAD D . 1.70 -2.00 12.51
O2' FAD D . 0.71 -2.96 12.85
O2' FAD D . 0.69 -2.94 12.87
C3' FAD D . 2.41 -1.49 13.78
C3' FAD D . 2.42 -1.49 13.77
O3' FAD D . 1.66 -0.45 14.43
O3' FAD D . 1.67 -0.45 14.40
C4' FAD D . 3.82 -1.00 13.47
C4' FAD D . 3.83 -0.98 13.47
O4' FAD D . 4.61 -2.14 13.16
O4' FAD D . 4.63 -2.12 13.10
C5' FAD D . 4.44 -0.25 14.63
C5' FAD D . 4.45 -0.29 14.65
O5' FAD D . 4.52 -1.19 15.71
O5' FAD D . 4.58 -1.28 15.68
P FAD D . 5.23 -0.70 17.08
P FAD D . 5.31 -0.82 17.07
O1P FAD D . 5.06 -1.79 18.07
O1P FAD D . 5.20 -1.90 18.08
O2P FAD D . 6.70 -0.36 16.80
O2P FAD D . 6.75 -0.41 16.78
O3P FAD D . 4.47 0.62 17.50
O3P FAD D . 4.50 0.47 17.52
#